data_3A7C
#
_entry.id   3A7C
#
_cell.length_a   84.625
_cell.length_b   81.322
_cell.length_c   89.968
_cell.angle_alpha   90.00
_cell.angle_beta   90.00
_cell.angle_gamma   90.00
#
_symmetry.space_group_name_H-M   'P 21 21 21'
#
loop_
_entity.id
_entity.type
_entity.pdbx_description
1 polymer 'Toll-like receptor 2, Variable lymphocyte receptor B'
2 branched 2-acetamido-2-deoxy-beta-D-glucopyranose-(1-4)-2-acetamido-2-deoxy-beta-D-glucopyranose
3 branched alpha-D-mannopyranose-(1-4)-2-acetamido-2-deoxy-beta-D-glucopyranose-(1-4)-2-acetamido-2-deoxy-beta-D-glucopyranose
4 non-polymer 2-acetamido-2-deoxy-beta-D-glucopyranose
5 non-polymer '(10S,13R)-3-{2-[{2-[bis(carboxymethyl)amino]ethyl}(carboxymethyl)amino]ethyl}-10-hydroxy-5,16-dioxo-13-(tetradecanoyloxy)-9,11,15-trioxa-3,6-diaza-10-phosphanonacosan-1-oic acid 10-oxide'
6 non-polymer 'LUTETIUM (III) ION'
7 water water
#
_entity_poly.entity_id   1
_entity_poly.type   'polypeptide(L)'
_entity_poly.pdbx_seq_one_letter_code
;MLRALWLFWILVAITVLFSKRCSAQESLSCDASGVCDGRSRSFTSIPSGLTAAMKSLDLSFNKITYIGHGDLRACANLQV
LILKSSRINTIEGDAFYSLGSLEHLDLSDNHLSSLSSSWFGPLSSLKYLNLMGNPYQTLGVTSLFPNLTNLQTLRIGNVE
TFSEIRRIDFAGLTSLNELEIKALSLRNYQSQSLKSIRDIHHLTLHLSESAFLLEIFADILSSVRYLELRDTNLARFQFS
PLPVDEVSSPMKKLAFRGSVLTDESFNELLKLLRYILELSEVEFDDCTLNGLGDFNPSESDVVSELGKVETVTIRRLHIP
QFYLFYDLSTVYSLLEKVKRITVENSKVFLVPCSFSQHLKSLEFLDLSENLMVEEYLKNSACKGAWPSLQTLVLSQNHLR
SMQKTGEILLTLKNLTSLDISRNTFHPMPDSCQWPEKMRFLNLSSTGIRVVKTCIPQTLEVLDVSNNNLDSFSLFLPRLQ
ELYISRNKLKTLPDASLFPVLLVMKIASNQLKSVPDGIFDRLTSLQKIWLHTNPWDCSCPRIDYLSRWLNKNSQKEQGSA
KCSGSGKPVRSIICPTLVPR
;
_entity_poly.pdbx_strand_id   A
#
loop_
_chem_comp.id
_chem_comp.type
_chem_comp.name
_chem_comp.formula
LU non-polymer 'LUTETIUM (III) ION' 'Lu 3'
MAN D-saccharide, alpha linking alpha-D-mannopyranose 'C6 H12 O6'
NAG D-saccharide, beta linking 2-acetamido-2-deoxy-beta-D-glucopyranose 'C8 H15 N O6'
PDK non-polymer '(10S,13R)-3-{2-[{2-[bis(carboxymethyl)amino]ethyl}(carboxymethyl)amino]ethyl}-10-hydroxy-5,16-dioxo-13-(tetradecanoyloxy)-9,11,15-trioxa-3,6-diaza-10-phosphanonacosan-1-oic acid 10-oxide' 'C47 H87 N4 O17 P'
#
# COMPACT_ATOMS: atom_id res chain seq x y z
N SER A 27 -29.73 14.31 -20.96
CA SER A 27 -29.99 14.46 -19.51
C SER A 27 -28.76 15.04 -18.80
N LEU A 28 -27.76 15.42 -19.58
CA LEU A 28 -26.52 15.96 -19.02
C LEU A 28 -26.67 16.97 -17.89
N SER A 29 -25.60 17.10 -17.11
CA SER A 29 -25.55 18.02 -15.98
C SER A 29 -24.10 18.49 -15.84
N CYS A 30 -23.77 19.61 -16.47
CA CYS A 30 -22.42 20.14 -16.43
C CYS A 30 -22.25 21.21 -15.35
N ASP A 31 -21.02 21.63 -15.12
CA ASP A 31 -20.74 22.66 -14.12
C ASP A 31 -19.86 23.77 -14.71
N ALA A 32 -19.69 24.84 -13.92
CA ALA A 32 -18.92 26.01 -14.33
C ALA A 32 -17.61 25.78 -15.06
N SER A 33 -16.89 24.72 -14.71
CA SER A 33 -15.61 24.45 -15.35
C SER A 33 -15.61 23.43 -16.48
N GLY A 34 -16.77 23.17 -17.07
CA GLY A 34 -16.83 22.26 -18.18
C GLY A 34 -16.83 20.78 -17.83
N VAL A 35 -17.05 20.47 -16.56
CA VAL A 35 -17.10 19.08 -16.13
C VAL A 35 -18.53 18.59 -16.21
N CYS A 36 -18.84 17.86 -17.28
CA CYS A 36 -20.18 17.36 -17.51
C CYS A 36 -20.30 15.93 -17.02
N ASP A 37 -21.45 15.58 -16.48
CA ASP A 37 -21.68 14.24 -15.98
C ASP A 37 -22.86 13.55 -16.63
N GLY A 38 -22.55 12.57 -17.47
CA GLY A 38 -23.60 11.81 -18.13
C GLY A 38 -23.47 10.38 -17.67
N ARG A 39 -22.62 10.16 -16.67
CA ARG A 39 -22.40 8.82 -16.16
C ARG A 39 -23.69 8.10 -15.84
N SER A 40 -23.70 6.80 -16.15
CA SER A 40 -24.83 5.92 -15.92
C SER A 40 -26.20 6.54 -16.11
N ARG A 41 -26.56 6.79 -17.36
CA ARG A 41 -27.87 7.33 -17.67
C ARG A 41 -28.61 6.16 -18.28
N SER A 42 -28.60 6.09 -19.60
CA SER A 42 -29.25 5.01 -20.34
C SER A 42 -29.12 5.31 -21.83
N PHE A 43 -28.19 6.20 -22.14
CA PHE A 43 -27.88 6.61 -23.50
C PHE A 43 -27.62 5.37 -24.36
N THR A 44 -28.09 5.39 -25.61
CA THR A 44 -27.87 4.28 -26.52
C THR A 44 -26.97 4.74 -27.66
N SER A 45 -26.54 5.98 -27.54
CA SER A 45 -25.66 6.62 -28.51
C SER A 45 -25.21 7.87 -27.78
N ILE A 46 -24.04 8.40 -28.15
CA ILE A 46 -23.57 9.60 -27.49
C ILE A 46 -24.63 10.69 -27.58
N PRO A 47 -24.82 11.46 -26.49
CA PRO A 47 -25.83 12.52 -26.51
C PRO A 47 -25.56 13.57 -27.59
N SER A 48 -26.64 13.97 -28.26
CA SER A 48 -26.56 14.95 -29.33
C SER A 48 -26.17 16.36 -28.90
N GLY A 49 -25.58 17.10 -29.84
CA GLY A 49 -25.18 18.46 -29.60
C GLY A 49 -24.31 18.78 -28.39
N LEU A 50 -23.04 18.37 -28.43
CA LEU A 50 -22.10 18.66 -27.36
C LEU A 50 -21.44 19.98 -27.74
N THR A 51 -20.69 20.60 -26.84
CA THR A 51 -20.07 21.89 -27.18
C THR A 51 -18.56 21.95 -26.97
N ALA A 52 -17.98 23.07 -27.37
CA ALA A 52 -16.54 23.29 -27.25
C ALA A 52 -16.20 23.91 -25.90
N ALA A 53 -17.19 24.01 -25.03
CA ALA A 53 -16.99 24.57 -23.71
C ALA A 53 -16.70 23.46 -22.71
N MET A 54 -17.18 22.26 -23.01
CA MET A 54 -16.98 21.10 -22.14
C MET A 54 -15.51 20.74 -22.05
N LYS A 55 -15.01 20.54 -20.83
CA LYS A 55 -13.62 20.19 -20.64
C LYS A 55 -13.45 18.74 -20.20
N SER A 56 -14.55 18.13 -19.80
CA SER A 56 -14.54 16.74 -19.34
C SER A 56 -15.92 16.15 -19.54
N LEU A 57 -15.99 14.97 -20.14
CA LEU A 57 -17.26 14.32 -20.39
C LEU A 57 -17.23 12.88 -19.88
N ASP A 58 -18.10 12.58 -18.93
CA ASP A 58 -18.14 11.24 -18.36
C ASP A 58 -19.42 10.53 -18.81
N LEU A 59 -19.29 9.60 -19.76
CA LEU A 59 -20.42 8.85 -20.29
C LEU A 59 -20.35 7.37 -19.94
N SER A 60 -19.77 7.06 -18.78
CA SER A 60 -19.62 5.69 -18.34
C SER A 60 -20.94 4.98 -18.10
N PHE A 61 -20.87 3.67 -17.93
CA PHE A 61 -22.01 2.81 -17.67
C PHE A 61 -23.27 3.06 -18.48
N ASN A 62 -23.09 3.35 -19.76
CA ASN A 62 -24.22 3.58 -20.66
C ASN A 62 -24.42 2.39 -21.61
N LYS A 63 -25.12 2.62 -22.70
CA LYS A 63 -25.37 1.57 -23.68
C LYS A 63 -24.99 2.07 -25.09
N ILE A 64 -23.96 2.91 -25.15
CA ILE A 64 -23.50 3.44 -26.42
C ILE A 64 -22.85 2.31 -27.21
N THR A 65 -23.67 1.59 -27.97
CA THR A 65 -23.22 0.47 -28.74
C THR A 65 -22.34 0.83 -29.95
N TYR A 66 -22.57 2.01 -30.51
CA TYR A 66 -21.83 2.50 -31.68
C TYR A 66 -21.50 3.99 -31.54
N ILE A 67 -20.35 4.39 -32.06
CA ILE A 67 -19.93 5.79 -32.04
C ILE A 67 -19.58 6.16 -33.47
N GLY A 68 -20.28 7.14 -34.02
CA GLY A 68 -20.04 7.53 -35.41
C GLY A 68 -19.12 8.70 -35.69
N HIS A 69 -19.06 9.08 -36.96
CA HIS A 69 -18.22 10.18 -37.43
C HIS A 69 -18.56 11.51 -36.78
N GLY A 70 -19.84 11.76 -36.55
CA GLY A 70 -20.25 13.01 -35.95
C GLY A 70 -20.99 12.86 -34.63
N ASP A 71 -20.25 12.51 -33.59
CA ASP A 71 -20.81 12.35 -32.25
C ASP A 71 -19.95 13.12 -31.26
N LEU A 72 -18.70 13.37 -31.64
CA LEU A 72 -17.77 14.11 -30.79
C LEU A 72 -17.07 15.21 -31.57
N ARG A 73 -17.57 15.51 -32.76
CA ARG A 73 -17.00 16.55 -33.61
C ARG A 73 -16.88 17.89 -32.90
N ALA A 74 -17.91 18.24 -32.15
CA ALA A 74 -17.94 19.52 -31.43
C ALA A 74 -17.50 19.40 -29.97
N CYS A 75 -16.22 19.13 -29.76
CA CYS A 75 -15.65 19.01 -28.43
C CYS A 75 -14.17 19.33 -28.50
N ALA A 76 -13.84 20.31 -29.32
CA ALA A 76 -12.47 20.72 -29.55
C ALA A 76 -11.63 20.96 -28.29
N ASN A 77 -12.27 21.21 -27.16
CA ASN A 77 -11.53 21.47 -25.93
C ASN A 77 -11.53 20.34 -24.90
N LEU A 78 -12.20 19.24 -25.22
CA LEU A 78 -12.30 18.10 -24.31
C LEU A 78 -10.94 17.58 -23.83
N GLN A 79 -10.76 17.52 -22.51
CA GLN A 79 -9.52 17.01 -21.93
C GLN A 79 -9.70 15.62 -21.33
N VAL A 80 -10.94 15.29 -20.96
CA VAL A 80 -11.25 14.01 -20.36
C VAL A 80 -12.48 13.36 -20.94
N LEU A 81 -12.33 12.13 -21.42
CA LEU A 81 -13.44 11.38 -21.99
C LEU A 81 -13.44 10.00 -21.34
N ILE A 82 -14.47 9.74 -20.53
CA ILE A 82 -14.57 8.45 -19.84
C ILE A 82 -15.75 7.68 -20.39
N LEU A 83 -15.47 6.54 -21.02
CA LEU A 83 -16.50 5.69 -21.61
C LEU A 83 -16.43 4.26 -21.07
N LYS A 84 -16.01 4.14 -19.81
CA LYS A 84 -15.88 2.83 -19.17
C LYS A 84 -17.22 2.10 -19.04
N SER A 85 -17.16 0.78 -19.10
CA SER A 85 -18.31 -0.08 -18.96
C SER A 85 -19.57 0.31 -19.70
N SER A 86 -19.43 0.87 -20.89
CA SER A 86 -20.61 1.16 -21.70
C SER A 86 -20.61 -0.11 -22.55
N ARG A 87 -21.43 -0.20 -23.56
CA ARG A 87 -21.39 -1.43 -24.31
C ARG A 87 -20.95 -1.16 -25.74
N ILE A 88 -19.87 -0.40 -25.86
CA ILE A 88 -19.32 -0.04 -27.15
C ILE A 88 -18.70 -1.23 -27.85
N ASN A 89 -19.10 -1.44 -29.10
CA ASN A 89 -18.53 -2.53 -29.87
C ASN A 89 -18.09 -1.99 -31.22
N THR A 90 -18.42 -0.73 -31.51
CA THR A 90 -18.06 -0.14 -32.80
C THR A 90 -17.72 1.34 -32.74
N ILE A 91 -16.49 1.68 -33.13
CA ILE A 91 -16.05 3.06 -33.15
C ILE A 91 -15.45 3.40 -34.52
N GLU A 92 -16.07 4.32 -35.24
CA GLU A 92 -15.58 4.71 -36.56
C GLU A 92 -14.14 5.20 -36.47
N GLY A 93 -13.37 4.95 -37.52
CA GLY A 93 -11.98 5.35 -37.53
C GLY A 93 -11.66 6.79 -37.14
N ASP A 94 -12.38 7.76 -37.70
CA ASP A 94 -12.14 9.17 -37.39
C ASP A 94 -13.04 9.72 -36.29
N ALA A 95 -13.61 8.82 -35.48
CA ALA A 95 -14.51 9.23 -34.42
C ALA A 95 -13.91 10.22 -33.43
N PHE A 96 -12.60 10.16 -33.21
CA PHE A 96 -11.94 11.08 -32.26
C PHE A 96 -11.14 12.19 -32.96
N TYR A 97 -11.28 12.28 -34.28
CA TYR A 97 -10.54 13.26 -35.09
C TYR A 97 -10.37 14.68 -34.53
N SER A 98 -11.45 15.28 -34.03
CA SER A 98 -11.37 16.65 -33.52
C SER A 98 -11.14 16.77 -32.02
N LEU A 99 -10.47 15.80 -31.42
CA LEU A 99 -10.21 15.82 -29.98
C LEU A 99 -8.72 15.97 -29.69
N GLY A 100 -8.12 17.01 -30.25
CA GLY A 100 -6.71 17.25 -30.05
C GLY A 100 -6.29 17.69 -28.66
N SER A 101 -7.25 18.11 -27.84
CA SER A 101 -6.93 18.54 -26.48
C SER A 101 -7.24 17.44 -25.47
N LEU A 102 -7.39 16.22 -25.96
CA LEU A 102 -7.70 15.08 -25.11
C LEU A 102 -6.46 14.54 -24.40
N GLU A 103 -6.54 14.42 -23.07
CA GLU A 103 -5.40 13.93 -22.31
C GLU A 103 -5.69 12.63 -21.56
N HIS A 104 -6.97 12.33 -21.38
CA HIS A 104 -7.40 11.13 -20.67
C HIS A 104 -8.55 10.44 -21.41
N LEU A 105 -8.29 9.22 -21.90
CA LEU A 105 -9.29 8.44 -22.61
C LEU A 105 -9.41 7.06 -21.98
N ASP A 106 -10.62 6.72 -21.54
CA ASP A 106 -10.86 5.43 -20.90
C ASP A 106 -11.96 4.69 -21.63
N LEU A 107 -11.57 3.63 -22.31
CA LEU A 107 -12.51 2.81 -23.07
C LEU A 107 -12.57 1.43 -22.46
N SER A 108 -12.16 1.31 -21.21
CA SER A 108 -12.12 0.02 -20.55
C SER A 108 -13.49 -0.65 -20.37
N ASP A 109 -13.43 -1.97 -20.20
CA ASP A 109 -14.59 -2.82 -19.99
C ASP A 109 -15.74 -2.67 -20.98
N ASN A 110 -15.41 -2.48 -22.25
CA ASN A 110 -16.42 -2.37 -23.29
C ASN A 110 -16.42 -3.68 -24.08
N HIS A 111 -16.93 -3.66 -25.31
CA HIS A 111 -16.98 -4.86 -26.15
C HIS A 111 -16.19 -4.71 -27.44
N LEU A 112 -15.07 -3.97 -27.39
CA LEU A 112 -14.25 -3.78 -28.58
C LEU A 112 -13.46 -5.06 -28.90
N SER A 113 -13.87 -5.76 -29.97
CA SER A 113 -13.21 -6.99 -30.40
C SER A 113 -11.98 -6.67 -31.24
N SER A 114 -11.89 -5.45 -31.72
CA SER A 114 -10.79 -5.03 -32.57
C SER A 114 -10.37 -3.60 -32.23
N LEU A 115 -9.10 -3.29 -32.39
CA LEU A 115 -8.58 -1.96 -32.10
C LEU A 115 -8.07 -1.30 -33.38
N SER A 116 -8.60 -0.13 -33.72
CA SER A 116 -8.15 0.56 -34.92
C SER A 116 -7.11 1.65 -34.64
N SER A 117 -6.04 1.64 -35.44
CA SER A 117 -4.95 2.60 -35.31
C SER A 117 -5.37 4.03 -35.67
N SER A 118 -6.47 4.16 -36.41
CA SER A 118 -6.96 5.47 -36.81
C SER A 118 -7.60 6.21 -35.64
N TRP A 119 -7.97 5.46 -34.60
CA TRP A 119 -8.59 6.04 -33.42
C TRP A 119 -7.66 6.98 -32.69
N PHE A 120 -6.40 6.55 -32.53
CA PHE A 120 -5.40 7.30 -31.80
C PHE A 120 -4.54 8.24 -32.63
N GLY A 121 -4.78 8.26 -33.93
CA GLY A 121 -4.01 9.13 -34.78
C GLY A 121 -4.06 10.60 -34.41
N PRO A 122 -5.24 11.16 -34.10
CA PRO A 122 -5.30 12.57 -33.75
C PRO A 122 -5.31 12.88 -32.25
N LEU A 123 -4.60 12.11 -31.44
CA LEU A 123 -4.61 12.36 -30.01
C LEU A 123 -3.20 12.55 -29.43
N SER A 124 -2.38 13.36 -30.09
CA SER A 124 -1.01 13.61 -29.65
C SER A 124 -0.87 14.13 -28.21
N SER A 125 -1.92 14.76 -27.69
CA SER A 125 -1.87 15.30 -26.32
C SER A 125 -2.39 14.33 -25.26
N LEU A 126 -2.58 13.07 -25.64
CA LEU A 126 -3.08 12.04 -24.72
C LEU A 126 -2.08 11.59 -23.65
N LYS A 127 -2.48 11.68 -22.38
CA LYS A 127 -1.59 11.26 -21.29
C LYS A 127 -1.93 9.89 -20.69
N TYR A 128 -3.23 9.61 -20.57
CA TYR A 128 -3.75 8.37 -19.99
C TYR A 128 -4.63 7.62 -21.00
N LEU A 129 -4.33 6.35 -21.25
CA LEU A 129 -5.14 5.53 -22.16
C LEU A 129 -5.41 4.18 -21.53
N ASN A 130 -6.68 3.85 -21.36
CA ASN A 130 -7.10 2.59 -20.75
C ASN A 130 -7.96 1.79 -21.73
N LEU A 131 -7.43 0.67 -22.23
CA LEU A 131 -8.16 -0.17 -23.17
C LEU A 131 -8.43 -1.56 -22.64
N MET A 132 -8.03 -1.79 -21.39
CA MET A 132 -8.20 -3.07 -20.71
C MET A 132 -9.68 -3.49 -20.57
N GLY A 133 -9.94 -4.79 -20.53
CA GLY A 133 -11.31 -5.25 -20.39
C GLY A 133 -12.11 -5.39 -21.66
N ASN A 134 -11.44 -5.32 -22.80
CA ASN A 134 -12.09 -5.48 -24.09
C ASN A 134 -11.65 -6.84 -24.64
N PRO A 135 -12.57 -7.58 -25.26
CA PRO A 135 -12.30 -8.92 -25.82
C PRO A 135 -11.46 -9.04 -27.07
N TYR A 136 -10.41 -8.23 -27.22
CA TYR A 136 -9.58 -8.36 -28.39
C TYR A 136 -8.51 -9.43 -28.16
N GLN A 137 -8.04 -10.05 -29.24
CA GLN A 137 -7.01 -11.08 -29.15
C GLN A 137 -5.60 -10.52 -29.26
N THR A 138 -5.46 -9.41 -29.96
CA THR A 138 -4.17 -8.74 -30.14
C THR A 138 -4.39 -7.24 -30.26
N LEU A 139 -3.31 -6.48 -30.36
CA LEU A 139 -3.41 -5.03 -30.51
C LEU A 139 -3.55 -4.68 -31.99
N GLY A 140 -3.72 -5.70 -32.82
CA GLY A 140 -3.87 -5.46 -34.26
C GLY A 140 -2.62 -5.64 -35.08
N VAL A 141 -2.74 -5.37 -36.37
CA VAL A 141 -1.62 -5.52 -37.29
C VAL A 141 -0.85 -4.23 -37.46
N THR A 142 -1.44 -3.13 -37.00
CA THR A 142 -0.81 -1.81 -37.12
C THR A 142 -0.53 -1.23 -35.73
N SER A 143 0.65 -0.65 -35.55
CA SER A 143 1.03 -0.02 -34.30
C SER A 143 -0.01 1.04 -33.92
N LEU A 144 -0.57 0.92 -32.73
CA LEU A 144 -1.61 1.83 -32.26
C LEU A 144 -1.13 3.09 -31.57
N PHE A 145 0.10 3.09 -31.05
CA PHE A 145 0.57 4.25 -30.29
C PHE A 145 1.81 5.05 -30.77
N PRO A 146 2.28 4.82 -32.01
CA PRO A 146 3.45 5.57 -32.45
C PRO A 146 3.39 7.09 -32.34
N ASN A 147 2.19 7.65 -32.46
CA ASN A 147 2.03 9.10 -32.39
C ASN A 147 1.54 9.64 -31.05
N LEU A 148 1.71 8.85 -29.99
CA LEU A 148 1.31 9.27 -28.65
C LEU A 148 2.57 9.64 -27.88
N THR A 149 3.18 10.74 -28.33
CA THR A 149 4.41 11.29 -27.78
C THR A 149 4.40 11.62 -26.29
N ASN A 150 3.22 11.93 -25.76
CA ASN A 150 3.13 12.32 -24.35
C ASN A 150 2.45 11.31 -23.43
N LEU A 151 2.20 10.12 -23.94
CA LEU A 151 1.53 9.08 -23.14
C LEU A 151 2.34 8.79 -21.89
N GLN A 152 1.63 8.60 -20.78
CA GLN A 152 2.28 8.32 -19.51
C GLN A 152 1.72 7.04 -18.90
N THR A 153 0.44 6.79 -19.14
CA THR A 153 -0.20 5.60 -18.59
C THR A 153 -0.98 4.85 -19.67
N LEU A 154 -0.63 3.58 -19.82
CA LEU A 154 -1.26 2.69 -20.79
C LEU A 154 -1.60 1.36 -20.14
N ARG A 155 -2.84 0.93 -20.33
CA ARG A 155 -3.33 -0.33 -19.79
C ARG A 155 -4.04 -1.11 -20.89
N ILE A 156 -3.60 -2.35 -21.08
CA ILE A 156 -4.16 -3.22 -22.12
C ILE A 156 -4.31 -4.66 -21.64
N GLY A 157 -5.12 -5.42 -22.37
CA GLY A 157 -5.30 -6.81 -22.03
C GLY A 157 -6.68 -7.17 -21.51
N ASN A 158 -6.83 -8.41 -21.07
CA ASN A 158 -8.09 -8.90 -20.54
C ASN A 158 -7.81 -10.29 -19.99
N VAL A 159 -8.81 -10.91 -19.40
CA VAL A 159 -8.64 -12.21 -18.79
C VAL A 159 -8.53 -13.45 -19.67
N GLU A 160 -9.37 -13.56 -20.70
CA GLU A 160 -9.33 -14.77 -21.50
C GLU A 160 -9.16 -14.68 -23.00
N THR A 161 -9.15 -13.48 -23.56
CA THR A 161 -9.03 -13.37 -25.01
C THR A 161 -7.66 -12.91 -25.48
N PHE A 162 -7.08 -11.92 -24.82
CA PHE A 162 -5.76 -11.39 -25.19
C PHE A 162 -4.72 -12.51 -25.16
N SER A 163 -4.12 -12.82 -26.31
CA SER A 163 -3.18 -13.93 -26.35
C SER A 163 -1.83 -13.75 -27.07
N GLU A 164 -1.63 -12.61 -27.72
CA GLU A 164 -0.37 -12.37 -28.43
C GLU A 164 0.19 -10.97 -28.20
N ILE A 165 1.50 -10.88 -28.07
CA ILE A 165 2.19 -9.61 -27.90
C ILE A 165 3.25 -9.58 -28.99
N ARG A 166 3.24 -8.55 -29.82
CA ARG A 166 4.19 -8.44 -30.93
C ARG A 166 5.19 -7.29 -30.85
N ARG A 167 6.21 -7.34 -31.69
CA ARG A 167 7.25 -6.32 -31.72
C ARG A 167 6.72 -4.96 -32.15
N ILE A 168 5.64 -4.95 -32.93
CA ILE A 168 5.06 -3.71 -33.40
C ILE A 168 4.07 -3.10 -32.40
N ASP A 169 3.66 -3.89 -31.43
CA ASP A 169 2.67 -3.42 -30.45
C ASP A 169 3.01 -2.11 -29.74
N PHE A 170 4.26 -1.94 -29.30
CA PHE A 170 4.63 -0.73 -28.60
C PHE A 170 5.65 0.16 -29.31
N ALA A 171 5.85 -0.10 -30.60
CA ALA A 171 6.79 0.69 -31.40
C ALA A 171 6.40 2.16 -31.34
N GLY A 172 7.36 3.02 -31.03
CA GLY A 172 7.07 4.43 -30.94
C GLY A 172 7.13 4.97 -29.53
N LEU A 173 6.59 4.21 -28.57
CA LEU A 173 6.60 4.64 -27.17
C LEU A 173 8.04 4.57 -26.64
N THR A 174 8.48 5.62 -25.95
CA THR A 174 9.85 5.65 -25.44
C THR A 174 9.86 5.75 -23.92
N SER A 175 8.86 6.43 -23.38
CA SER A 175 8.78 6.62 -21.95
C SER A 175 7.37 6.45 -21.42
N LEU A 176 7.24 5.73 -20.32
CA LEU A 176 5.95 5.50 -19.72
C LEU A 176 6.06 5.40 -18.20
N ASN A 177 5.14 6.06 -17.50
CA ASN A 177 5.11 6.01 -16.06
C ASN A 177 4.47 4.68 -15.65
N GLU A 178 3.36 4.34 -16.29
CA GLU A 178 2.67 3.10 -16.01
C GLU A 178 2.18 2.33 -17.23
N LEU A 179 2.61 1.08 -17.32
CA LEU A 179 2.18 0.19 -18.39
C LEU A 179 1.63 -1.07 -17.75
N GLU A 180 0.37 -1.39 -18.04
CA GLU A 180 -0.25 -2.58 -17.49
C GLU A 180 -0.73 -3.46 -18.62
N ILE A 181 -0.33 -4.71 -18.58
CA ILE A 181 -0.70 -5.67 -19.60
C ILE A 181 -1.36 -6.87 -18.96
N LYS A 182 -2.64 -7.08 -19.26
CA LYS A 182 -3.33 -8.22 -18.70
C LYS A 182 -3.35 -9.31 -19.78
N ALA A 183 -2.57 -10.36 -19.56
CA ALA A 183 -2.47 -11.47 -20.52
C ALA A 183 -2.48 -12.82 -19.81
N LEU A 184 -3.52 -13.07 -19.01
CA LEU A 184 -3.64 -14.34 -18.30
C LEU A 184 -3.88 -15.50 -19.25
N SER A 185 -4.14 -15.18 -20.52
CA SER A 185 -4.39 -16.19 -21.52
C SER A 185 -3.32 -16.15 -22.61
N LEU A 186 -2.21 -15.48 -22.31
CA LEU A 186 -1.10 -15.35 -23.26
C LEU A 186 -0.64 -16.68 -23.87
N ARG A 187 -0.58 -16.74 -25.21
CA ARG A 187 -0.14 -17.94 -25.91
C ARG A 187 1.22 -17.70 -26.55
N ASN A 188 1.53 -16.43 -26.82
CA ASN A 188 2.81 -16.11 -27.46
C ASN A 188 3.32 -14.70 -27.19
N TYR A 189 4.63 -14.60 -26.97
CA TYR A 189 5.29 -13.31 -26.75
C TYR A 189 6.49 -13.25 -27.68
N GLN A 190 6.51 -12.26 -28.57
CA GLN A 190 7.62 -12.11 -29.52
C GLN A 190 8.81 -11.49 -28.81
N SER A 191 10.02 -11.92 -29.19
CA SER A 191 11.24 -11.41 -28.60
C SER A 191 11.42 -9.92 -28.87
N GLN A 192 11.82 -9.19 -27.83
CA GLN A 192 12.05 -7.76 -27.93
C GLN A 192 10.80 -6.90 -28.06
N SER A 193 9.63 -7.47 -27.85
CA SER A 193 8.41 -6.68 -27.96
C SER A 193 8.47 -5.50 -27.00
N LEU A 194 8.96 -5.77 -25.80
CA LEU A 194 9.07 -4.74 -24.78
C LEU A 194 10.34 -3.89 -24.83
N LYS A 195 11.39 -4.39 -25.48
CA LYS A 195 12.67 -3.69 -25.54
C LYS A 195 12.71 -2.29 -26.16
N SER A 196 11.80 -1.98 -27.07
CA SER A 196 11.81 -0.67 -27.70
C SER A 196 11.54 0.47 -26.71
N ILE A 197 10.79 0.20 -25.65
CA ILE A 197 10.51 1.24 -24.66
C ILE A 197 11.75 1.32 -23.76
N ARG A 198 12.24 2.55 -23.53
CA ARG A 198 13.44 2.72 -22.72
C ARG A 198 13.20 3.10 -21.25
N ASP A 199 12.03 3.63 -20.94
CA ASP A 199 11.74 4.03 -19.56
C ASP A 199 10.33 3.68 -19.09
N ILE A 200 10.23 2.71 -18.19
CA ILE A 200 8.95 2.30 -17.64
C ILE A 200 9.06 2.33 -16.12
N HIS A 201 8.43 3.32 -15.50
CA HIS A 201 8.50 3.44 -14.06
C HIS A 201 7.75 2.33 -13.32
N HIS A 202 6.55 2.00 -13.80
CA HIS A 202 5.76 0.94 -13.18
C HIS A 202 5.14 0.01 -14.21
N LEU A 203 5.59 -1.23 -14.22
CA LEU A 203 5.06 -2.23 -15.16
C LEU A 203 4.31 -3.34 -14.42
N THR A 204 3.03 -3.49 -14.72
CA THR A 204 2.22 -4.52 -14.11
C THR A 204 1.86 -5.55 -15.17
N LEU A 205 2.29 -6.80 -14.98
CA LEU A 205 1.99 -7.88 -15.91
C LEU A 205 1.12 -8.91 -15.21
N HIS A 206 0.00 -9.29 -15.81
CA HIS A 206 -0.87 -10.31 -15.26
C HIS A 206 -0.60 -11.57 -16.11
N LEU A 207 0.20 -12.49 -15.60
CA LEU A 207 0.51 -13.74 -16.32
C LEU A 207 0.00 -14.92 -15.53
N SER A 208 -0.49 -15.96 -16.19
CA SER A 208 -0.98 -17.09 -15.44
C SER A 208 0.09 -18.19 -15.37
N GLU A 209 0.94 -18.26 -16.39
CA GLU A 209 2.01 -19.26 -16.47
C GLU A 209 3.34 -18.54 -16.61
N SER A 210 4.45 -19.26 -16.54
CA SER A 210 5.75 -18.62 -16.62
C SER A 210 6.53 -18.85 -17.92
N ALA A 211 5.95 -19.61 -18.84
CA ALA A 211 6.60 -19.91 -20.12
C ALA A 211 7.32 -18.75 -20.80
N PHE A 212 6.79 -17.53 -20.71
CA PHE A 212 7.43 -16.38 -21.35
C PHE A 212 8.06 -15.38 -20.40
N LEU A 213 8.00 -15.64 -19.10
CA LEU A 213 8.56 -14.72 -18.13
C LEU A 213 10.04 -14.44 -18.36
N LEU A 214 10.83 -15.51 -18.49
CA LEU A 214 12.27 -15.38 -18.70
C LEU A 214 12.58 -14.42 -19.85
N GLU A 215 11.86 -14.60 -20.95
CA GLU A 215 12.03 -13.79 -22.15
C GLU A 215 11.66 -12.32 -21.92
N ILE A 216 10.55 -12.11 -21.24
CA ILE A 216 10.09 -10.77 -20.95
C ILE A 216 11.10 -10.06 -20.07
N PHE A 217 11.78 -10.81 -19.20
CA PHE A 217 12.77 -10.19 -18.35
C PHE A 217 13.91 -9.65 -19.18
N ALA A 218 14.27 -10.38 -20.23
CA ALA A 218 15.36 -9.96 -21.11
C ALA A 218 15.08 -8.62 -21.77
N ASP A 219 13.81 -8.27 -21.93
CA ASP A 219 13.45 -7.01 -22.58
C ASP A 219 13.09 -5.84 -21.66
N ILE A 220 13.04 -6.07 -20.35
CA ILE A 220 12.68 -5.00 -19.43
C ILE A 220 13.79 -4.63 -18.43
N LEU A 221 14.85 -5.43 -18.39
CA LEU A 221 15.96 -5.19 -17.46
C LEU A 221 16.70 -3.87 -17.57
N SER A 222 16.49 -3.12 -18.64
CA SER A 222 17.17 -1.84 -18.80
C SER A 222 16.11 -0.77 -18.98
N SER A 223 14.96 -0.98 -18.37
CA SER A 223 13.88 -0.01 -18.49
C SER A 223 12.95 0.10 -17.31
N VAL A 224 12.55 -1.05 -16.78
CA VAL A 224 11.61 -1.09 -15.68
C VAL A 224 12.16 -0.77 -14.30
N ARG A 225 11.53 0.20 -13.62
CA ARG A 225 11.93 0.60 -12.27
C ARG A 225 11.20 -0.28 -11.24
N TYR A 226 9.90 -0.46 -11.45
CA TYR A 226 9.06 -1.26 -10.56
C TYR A 226 8.29 -2.28 -11.40
N LEU A 227 8.59 -3.56 -11.17
CA LEU A 227 7.92 -4.65 -11.88
C LEU A 227 6.92 -5.30 -10.93
N GLU A 228 5.73 -5.61 -11.42
CA GLU A 228 4.71 -6.22 -10.57
C GLU A 228 4.09 -7.38 -11.33
N LEU A 229 4.23 -8.60 -10.80
CA LEU A 229 3.65 -9.78 -11.42
C LEU A 229 2.41 -10.23 -10.67
N ARG A 230 1.30 -10.42 -11.38
CA ARG A 230 0.07 -10.86 -10.76
C ARG A 230 -0.40 -12.23 -11.25
N ASP A 231 -0.98 -12.99 -10.33
CA ASP A 231 -1.53 -14.32 -10.58
C ASP A 231 -0.65 -15.32 -11.32
N THR A 232 0.67 -15.22 -11.15
CA THR A 232 1.56 -16.12 -11.87
C THR A 232 1.97 -17.39 -11.16
N ASN A 233 1.81 -18.52 -11.87
CA ASN A 233 2.22 -19.83 -11.35
C ASN A 233 3.66 -19.99 -11.79
N LEU A 234 4.57 -19.86 -10.84
CA LEU A 234 5.99 -19.96 -11.15
C LEU A 234 6.59 -21.31 -10.75
N ALA A 235 5.74 -22.31 -10.57
CA ALA A 235 6.19 -23.65 -10.18
C ALA A 235 7.24 -24.22 -11.12
N ARG A 236 7.08 -23.99 -12.42
CA ARG A 236 8.01 -24.51 -13.41
C ARG A 236 8.93 -23.46 -14.04
N PHE A 237 9.25 -22.41 -13.30
CA PHE A 237 10.13 -21.37 -13.82
C PHE A 237 11.57 -21.81 -13.68
N GLN A 238 12.38 -21.58 -14.71
CA GLN A 238 13.79 -21.95 -14.66
C GLN A 238 14.64 -20.79 -15.11
N PHE A 239 15.75 -20.57 -14.43
CA PHE A 239 16.63 -19.48 -14.82
C PHE A 239 17.50 -19.95 -15.97
N SER A 240 18.01 -18.98 -16.72
CA SER A 240 18.88 -19.26 -17.85
C SER A 240 19.56 -17.93 -18.11
N PRO A 241 20.85 -17.96 -18.44
CA PRO A 241 21.62 -16.74 -18.72
C PRO A 241 20.93 -15.76 -19.66
N LEU A 242 20.99 -14.48 -19.32
CA LEU A 242 20.39 -13.42 -20.13
C LEU A 242 21.46 -12.61 -20.85
N PRO A 243 21.14 -12.10 -22.04
CA PRO A 243 22.09 -11.31 -22.83
C PRO A 243 22.02 -9.80 -22.58
N VAL A 244 22.14 -9.37 -21.33
CA VAL A 244 22.10 -7.94 -21.02
C VAL A 244 23.18 -7.19 -21.79
N ASP A 245 23.08 -5.86 -21.82
CA ASP A 245 24.06 -5.06 -22.53
C ASP A 245 25.16 -4.54 -21.61
N GLU A 246 24.82 -4.23 -20.37
CA GLU A 246 25.81 -3.73 -19.41
C GLU A 246 25.49 -4.16 -17.98
N VAL A 247 24.52 -5.06 -17.81
CA VAL A 247 24.13 -5.58 -16.50
C VAL A 247 23.85 -4.45 -15.49
N SER A 248 23.25 -3.36 -15.97
CA SER A 248 22.92 -2.22 -15.13
C SER A 248 21.42 -1.95 -15.10
N SER A 249 20.67 -2.83 -14.45
CA SER A 249 19.22 -2.68 -14.36
C SER A 249 18.79 -1.58 -13.39
N PRO A 250 17.87 -0.72 -13.85
CA PRO A 250 17.40 0.36 -12.98
C PRO A 250 16.22 -0.10 -12.11
N MET A 251 15.94 -1.40 -12.09
CA MET A 251 14.82 -1.93 -11.32
C MET A 251 15.04 -1.81 -9.82
N LYS A 252 14.12 -1.12 -9.16
CA LYS A 252 14.22 -0.90 -7.72
C LYS A 252 13.27 -1.79 -6.91
N LYS A 253 12.05 -1.98 -7.41
CA LYS A 253 11.07 -2.78 -6.70
C LYS A 253 10.55 -3.94 -7.54
N LEU A 254 10.53 -5.12 -6.93
CA LEU A 254 10.02 -6.32 -7.57
C LEU A 254 8.87 -6.82 -6.69
N ALA A 255 7.73 -7.12 -7.30
CA ALA A 255 6.60 -7.59 -6.52
C ALA A 255 5.84 -8.73 -7.17
N PHE A 256 5.61 -9.79 -6.40
CA PHE A 256 4.84 -10.94 -6.86
C PHE A 256 3.59 -10.96 -6.02
N ARG A 257 2.44 -11.05 -6.67
CA ARG A 257 1.18 -11.08 -5.94
C ARG A 257 0.34 -12.23 -6.49
N GLY A 258 -0.21 -13.04 -5.59
CA GLY A 258 -1.03 -14.18 -5.97
C GLY A 258 -0.29 -15.21 -6.79
N SER A 259 0.99 -15.41 -6.47
CA SER A 259 1.81 -16.38 -7.19
C SER A 259 1.97 -17.71 -6.47
N VAL A 260 2.37 -18.71 -7.25
CA VAL A 260 2.64 -20.04 -6.73
C VAL A 260 4.12 -20.30 -6.99
N LEU A 261 4.84 -20.75 -5.96
CA LEU A 261 6.25 -21.06 -6.11
C LEU A 261 6.56 -22.39 -5.44
N THR A 262 7.79 -22.85 -5.66
CA THR A 262 8.27 -24.09 -5.07
C THR A 262 9.65 -23.71 -4.56
N ASP A 263 10.25 -24.55 -3.72
CA ASP A 263 11.58 -24.25 -3.22
C ASP A 263 12.53 -24.19 -4.41
N GLU A 264 12.32 -25.09 -5.37
CA GLU A 264 13.14 -25.16 -6.57
C GLU A 264 13.02 -23.92 -7.43
N SER A 265 11.80 -23.57 -7.82
CA SER A 265 11.59 -22.40 -8.66
C SER A 265 11.89 -21.11 -7.91
N PHE A 266 11.90 -21.18 -6.59
CA PHE A 266 12.18 -20.00 -5.78
C PHE A 266 13.67 -19.68 -5.92
N ASN A 267 14.50 -20.71 -5.86
CA ASN A 267 15.93 -20.50 -5.98
C ASN A 267 16.28 -20.01 -7.38
N GLU A 268 15.47 -20.39 -8.37
CA GLU A 268 15.71 -19.94 -9.73
C GLU A 268 15.42 -18.45 -9.82
N LEU A 269 14.36 -18.00 -9.16
CA LEU A 269 14.00 -16.59 -9.18
C LEU A 269 15.08 -15.66 -8.62
N LEU A 270 15.69 -16.05 -7.51
CA LEU A 270 16.72 -15.20 -6.92
C LEU A 270 18.01 -15.19 -7.72
N LYS A 271 18.14 -16.08 -8.69
CA LYS A 271 19.33 -16.10 -9.54
C LYS A 271 19.21 -14.89 -10.47
N LEU A 272 17.97 -14.49 -10.73
CA LEU A 272 17.71 -13.33 -11.58
C LEU A 272 18.25 -12.04 -10.97
N LEU A 273 18.43 -12.03 -9.65
CA LEU A 273 18.92 -10.85 -8.95
C LEU A 273 20.30 -10.43 -9.43
N ARG A 274 21.07 -11.37 -9.96
CA ARG A 274 22.42 -11.07 -10.43
C ARG A 274 22.43 -9.98 -11.50
N TYR A 275 21.28 -9.74 -12.15
CA TYR A 275 21.21 -8.72 -13.19
C TYR A 275 20.67 -7.39 -12.67
N ILE A 276 19.84 -7.46 -11.65
CA ILE A 276 19.27 -6.26 -11.07
C ILE A 276 20.09 -5.87 -9.85
N LEU A 277 21.37 -5.57 -10.09
CA LEU A 277 22.31 -5.18 -9.04
C LEU A 277 21.81 -4.09 -8.09
N GLU A 278 20.79 -3.34 -8.52
CA GLU A 278 20.26 -2.25 -7.70
C GLU A 278 18.94 -2.52 -6.96
N LEU A 279 18.33 -3.68 -7.19
CA LEU A 279 17.05 -4.01 -6.53
C LEU A 279 17.11 -3.76 -5.03
N SER A 280 16.15 -2.98 -4.53
CA SER A 280 16.11 -2.63 -3.12
C SER A 280 14.87 -3.08 -2.37
N GLU A 281 13.81 -3.45 -3.09
CA GLU A 281 12.59 -3.89 -2.43
C GLU A 281 11.91 -5.06 -3.15
N VAL A 282 11.68 -6.15 -2.41
CA VAL A 282 10.99 -7.32 -2.95
C VAL A 282 9.75 -7.60 -2.12
N GLU A 283 8.61 -7.77 -2.80
CA GLU A 283 7.37 -8.05 -2.11
C GLU A 283 6.71 -9.34 -2.58
N PHE A 284 6.10 -10.05 -1.65
CA PHE A 284 5.39 -11.30 -1.93
C PHE A 284 4.03 -11.19 -1.24
N ASP A 285 2.99 -10.92 -2.03
CA ASP A 285 1.63 -10.79 -1.52
C ASP A 285 0.75 -11.97 -1.91
N ASP A 286 0.07 -12.53 -0.92
CA ASP A 286 -0.84 -13.66 -1.13
C ASP A 286 -0.24 -14.77 -1.96
N CYS A 287 1.00 -15.13 -1.68
CA CYS A 287 1.65 -16.18 -2.46
C CYS A 287 1.65 -17.53 -1.78
N THR A 288 1.91 -18.56 -2.57
CA THR A 288 1.97 -19.92 -2.06
C THR A 288 3.31 -20.55 -2.37
N LEU A 289 3.88 -21.21 -1.38
CA LEU A 289 5.16 -21.86 -1.54
C LEU A 289 5.01 -23.35 -1.29
N ASN A 290 4.96 -24.13 -2.37
CA ASN A 290 4.83 -25.58 -2.25
C ASN A 290 6.22 -26.16 -1.96
N GLY A 291 6.36 -26.79 -0.80
CA GLY A 291 7.64 -27.34 -0.39
C GLY A 291 8.15 -28.55 -1.14
N LEU A 292 7.62 -28.82 -2.32
CA LEU A 292 8.05 -29.97 -3.12
C LEU A 292 9.50 -29.84 -3.57
N GLY A 293 9.78 -30.34 -4.77
CA GLY A 293 11.11 -30.28 -5.32
C GLY A 293 12.25 -30.43 -4.35
N ASP A 294 12.61 -29.33 -3.67
CA ASP A 294 13.70 -29.33 -2.70
C ASP A 294 15.06 -29.47 -3.40
N PHE A 295 15.52 -28.36 -3.99
CA PHE A 295 16.78 -28.32 -4.72
C PHE A 295 17.95 -28.87 -3.91
N ASN A 296 18.97 -29.36 -4.62
CA ASN A 296 20.14 -29.94 -3.98
C ASN A 296 21.46 -29.45 -4.59
N PRO A 297 21.52 -29.24 -5.92
CA PRO A 297 22.75 -28.77 -6.56
C PRO A 297 23.37 -27.55 -5.87
N SER A 298 24.63 -27.70 -5.48
CA SER A 298 25.39 -26.66 -4.79
C SER A 298 25.65 -25.42 -5.65
N GLU A 299 26.31 -25.62 -6.78
CA GLU A 299 26.64 -24.54 -7.71
C GLU A 299 25.40 -23.88 -8.30
N SER A 300 24.24 -24.48 -8.05
CA SER A 300 22.97 -23.95 -8.53
C SER A 300 22.16 -23.39 -7.37
N ASP A 301 22.84 -22.65 -6.50
CA ASP A 301 22.22 -22.05 -5.33
C ASP A 301 22.35 -20.53 -5.40
N VAL A 302 23.57 -20.06 -5.68
CA VAL A 302 23.87 -18.64 -5.82
C VAL A 302 23.21 -17.77 -4.75
N VAL A 303 23.95 -17.52 -3.68
CA VAL A 303 23.44 -16.68 -2.59
C VAL A 303 23.55 -15.21 -3.00
N SER A 304 24.76 -14.80 -3.38
CA SER A 304 25.04 -13.43 -3.82
C SER A 304 24.54 -12.39 -2.79
N GLU A 305 24.22 -12.86 -1.59
CA GLU A 305 23.72 -11.99 -0.54
C GLU A 305 22.56 -11.14 -1.06
N LEU A 306 21.76 -11.75 -1.93
CA LEU A 306 20.61 -11.07 -2.51
C LEU A 306 21.00 -9.69 -3.03
N GLY A 307 22.23 -9.57 -3.52
CA GLY A 307 22.70 -8.31 -4.04
C GLY A 307 22.53 -7.13 -3.12
N LYS A 308 21.59 -6.24 -3.45
CA LYS A 308 21.36 -5.04 -2.67
C LYS A 308 19.94 -4.92 -2.11
N VAL A 309 19.26 -6.05 -1.92
CA VAL A 309 17.90 -6.03 -1.38
C VAL A 309 17.88 -5.42 0.03
N GLU A 310 17.30 -4.23 0.16
CA GLU A 310 17.21 -3.52 1.43
C GLU A 310 15.90 -3.82 2.19
N THR A 311 14.85 -4.13 1.45
CA THR A 311 13.56 -4.37 2.05
C THR A 311 12.89 -5.63 1.52
N VAL A 312 12.38 -6.44 2.44
CA VAL A 312 11.68 -7.68 2.08
C VAL A 312 10.30 -7.67 2.77
N THR A 313 9.24 -7.76 1.97
CA THR A 313 7.90 -7.75 2.54
C THR A 313 7.08 -8.95 2.12
N ILE A 314 6.62 -9.71 3.11
CA ILE A 314 5.81 -10.88 2.86
C ILE A 314 4.49 -10.74 3.61
N ARG A 315 3.39 -10.99 2.89
CA ARG A 315 2.06 -10.90 3.47
C ARG A 315 1.20 -12.07 3.03
N ARG A 316 0.54 -12.69 3.99
CA ARG A 316 -0.35 -13.80 3.72
C ARG A 316 0.29 -14.88 2.87
N LEU A 317 1.46 -15.32 3.30
CA LEU A 317 2.18 -16.38 2.61
C LEU A 317 1.57 -17.69 3.08
N HIS A 318 1.13 -18.51 2.14
CA HIS A 318 0.52 -19.80 2.46
C HIS A 318 1.54 -20.88 2.14
N ILE A 319 1.94 -21.62 3.17
CA ILE A 319 2.93 -22.67 3.02
C ILE A 319 2.34 -24.05 3.34
N PRO A 320 1.71 -24.69 2.35
CA PRO A 320 1.08 -26.01 2.51
C PRO A 320 2.06 -27.13 2.87
N GLN A 321 1.68 -27.94 3.84
CA GLN A 321 2.51 -29.06 4.26
C GLN A 321 3.96 -28.69 4.49
N PHE A 322 4.24 -28.11 5.66
CA PHE A 322 5.61 -27.73 6.00
C PHE A 322 6.18 -28.93 6.77
N TYR A 323 6.55 -29.96 6.01
CA TYR A 323 7.09 -31.21 6.55
C TYR A 323 7.91 -31.11 7.84
N LEU A 324 9.23 -31.16 7.71
CA LEU A 324 10.11 -31.10 8.87
C LEU A 324 11.11 -29.94 8.74
N PHE A 325 12.33 -30.16 9.22
CA PHE A 325 13.39 -29.15 9.19
C PHE A 325 14.07 -28.96 7.84
N TYR A 326 13.99 -27.73 7.32
CA TYR A 326 14.62 -27.39 6.04
C TYR A 326 15.99 -26.82 6.39
N ASP A 327 16.78 -26.51 5.37
CA ASP A 327 18.13 -25.96 5.59
C ASP A 327 18.16 -24.70 6.46
N LEU A 328 17.48 -23.65 6.00
CA LEU A 328 17.43 -22.36 6.70
C LEU A 328 18.76 -21.62 6.63
N SER A 329 19.84 -22.34 6.41
CA SER A 329 21.17 -21.74 6.29
C SER A 329 21.26 -21.06 4.94
N THR A 330 20.44 -21.55 4.00
CA THR A 330 20.40 -20.99 2.66
C THR A 330 19.49 -19.77 2.71
N VAL A 331 19.57 -19.04 3.82
CA VAL A 331 18.77 -17.85 4.03
C VAL A 331 19.50 -16.88 4.97
N TYR A 332 20.43 -17.41 5.75
CA TYR A 332 21.22 -16.58 6.68
C TYR A 332 22.01 -15.59 5.83
N SER A 333 22.99 -16.13 5.11
CA SER A 333 23.87 -15.35 4.24
C SER A 333 23.12 -14.55 3.18
N LEU A 334 21.83 -14.83 3.01
CA LEU A 334 21.02 -14.14 2.02
C LEU A 334 20.44 -12.83 2.55
N LEU A 335 20.15 -12.79 3.85
CA LEU A 335 19.55 -11.62 4.47
C LEU A 335 20.52 -10.78 5.31
N GLU A 336 21.82 -11.05 5.16
CA GLU A 336 22.84 -10.33 5.91
C GLU A 336 22.78 -8.82 5.81
N LYS A 337 22.37 -8.31 4.65
CA LYS A 337 22.31 -6.87 4.41
C LYS A 337 20.92 -6.23 4.36
N VAL A 338 19.88 -7.01 4.61
CA VAL A 338 18.51 -6.47 4.58
C VAL A 338 18.23 -5.54 5.77
N LYS A 339 17.73 -4.33 5.49
CA LYS A 339 17.44 -3.36 6.54
C LYS A 339 15.99 -3.37 7.07
N ARG A 340 15.05 -3.81 6.25
CA ARG A 340 13.66 -3.84 6.67
C ARG A 340 12.97 -5.14 6.22
N ILE A 341 12.36 -5.82 7.17
CA ILE A 341 11.65 -7.06 6.88
C ILE A 341 10.25 -7.05 7.48
N THR A 342 9.28 -7.42 6.66
CA THR A 342 7.90 -7.50 7.12
C THR A 342 7.38 -8.87 6.70
N VAL A 343 6.82 -9.60 7.65
CA VAL A 343 6.25 -10.91 7.39
C VAL A 343 4.98 -10.94 8.19
N GLU A 344 3.87 -10.57 7.55
CA GLU A 344 2.61 -10.54 8.27
C GLU A 344 1.57 -11.55 7.84
N ASN A 345 0.77 -11.97 8.81
CA ASN A 345 -0.29 -12.91 8.57
C ASN A 345 0.21 -14.10 7.78
N SER A 346 1.31 -14.68 8.24
CA SER A 346 1.87 -15.83 7.55
C SER A 346 2.19 -16.97 8.51
N LYS A 347 1.39 -17.06 9.58
CA LYS A 347 1.54 -18.10 10.58
C LYS A 347 2.93 -18.26 11.21
N VAL A 348 3.66 -17.16 11.34
CA VAL A 348 4.98 -17.24 11.94
C VAL A 348 4.85 -17.53 13.44
N PHE A 349 5.54 -18.56 13.93
CA PHE A 349 5.47 -18.86 15.36
C PHE A 349 6.86 -18.89 15.99
N LEU A 350 7.89 -18.93 15.16
CA LEU A 350 9.28 -18.97 15.64
C LEU A 350 10.28 -18.44 14.63
N VAL A 351 11.17 -17.58 15.09
CA VAL A 351 12.23 -17.05 14.25
C VAL A 351 13.47 -17.53 14.97
N PRO A 352 13.98 -18.71 14.59
CA PRO A 352 15.17 -19.27 15.23
C PRO A 352 16.30 -18.28 15.48
N CYS A 353 16.86 -18.37 16.68
CA CYS A 353 17.94 -17.51 17.14
C CYS A 353 19.12 -17.30 16.18
N SER A 354 19.65 -18.39 15.63
CA SER A 354 20.78 -18.27 14.71
C SER A 354 20.37 -17.49 13.46
N PHE A 355 19.07 -17.48 13.18
CA PHE A 355 18.56 -16.77 12.03
C PHE A 355 18.59 -15.28 12.38
N SER A 356 18.16 -14.94 13.58
CA SER A 356 18.15 -13.55 14.03
C SER A 356 19.56 -12.98 14.13
N GLN A 357 20.51 -13.81 14.56
CA GLN A 357 21.90 -13.38 14.70
C GLN A 357 22.54 -13.05 13.36
N HIS A 358 22.00 -13.56 12.27
CA HIS A 358 22.57 -13.27 10.96
C HIS A 358 21.98 -12.01 10.33
N LEU A 359 20.82 -11.57 10.83
CA LEU A 359 20.17 -10.36 10.32
C LEU A 359 20.87 -9.15 10.95
N LYS A 360 22.16 -9.02 10.67
CA LYS A 360 22.99 -7.96 11.21
C LYS A 360 22.65 -6.54 10.84
N SER A 361 21.98 -6.36 9.71
CA SER A 361 21.61 -5.04 9.24
C SER A 361 20.15 -4.64 9.44
N LEU A 362 19.35 -5.56 9.99
CA LEU A 362 17.91 -5.30 10.19
C LEU A 362 17.61 -4.14 11.15
N GLU A 363 16.97 -3.09 10.64
CA GLU A 363 16.61 -1.93 11.45
C GLU A 363 15.13 -1.97 11.82
N PHE A 364 14.33 -2.55 10.94
CA PHE A 364 12.89 -2.63 11.11
C PHE A 364 12.36 -4.07 10.91
N LEU A 365 11.61 -4.57 11.88
CA LEU A 365 11.04 -5.90 11.76
C LEU A 365 9.58 -5.86 12.13
N ASP A 366 8.74 -6.27 11.18
CA ASP A 366 7.30 -6.28 11.37
C ASP A 366 6.77 -7.73 11.29
N LEU A 367 6.35 -8.25 12.44
CA LEU A 367 5.82 -9.60 12.51
C LEU A 367 4.33 -9.63 12.86
N SER A 368 3.60 -8.61 12.41
CA SER A 368 2.16 -8.49 12.67
C SER A 368 1.30 -9.67 12.21
N GLU A 369 0.22 -9.87 12.95
CA GLU A 369 -0.77 -10.90 12.66
C GLU A 369 -0.20 -12.32 12.52
N ASN A 370 0.62 -12.74 13.47
CA ASN A 370 1.21 -14.08 13.44
C ASN A 370 0.91 -14.84 14.72
N LEU A 371 1.68 -15.87 15.04
CA LEU A 371 1.41 -16.68 16.25
C LEU A 371 2.46 -16.67 17.37
N MET A 372 3.23 -15.59 17.50
CA MET A 372 4.26 -15.53 18.53
C MET A 372 3.75 -15.56 19.96
N VAL A 373 4.44 -16.33 20.80
CA VAL A 373 4.16 -16.44 22.24
C VAL A 373 5.50 -16.25 22.97
N GLU A 374 5.44 -15.79 24.22
CA GLU A 374 6.62 -15.54 25.02
C GLU A 374 7.75 -16.54 24.81
N GLU A 375 7.52 -17.79 25.19
CA GLU A 375 8.51 -18.86 25.06
C GLU A 375 9.29 -18.88 23.75
N TYR A 376 8.61 -18.65 22.63
CA TYR A 376 9.33 -18.68 21.37
C TYR A 376 9.93 -17.33 21.01
N LEU A 377 9.39 -16.25 21.59
CA LEU A 377 9.95 -14.94 21.33
C LEU A 377 11.32 -14.92 22.01
N LYS A 378 11.40 -15.56 23.19
CA LYS A 378 12.65 -15.62 23.94
C LYS A 378 13.77 -16.19 23.07
N ASN A 379 13.45 -17.13 22.20
CA ASN A 379 14.45 -17.71 21.31
C ASN A 379 14.73 -16.80 20.14
N SER A 380 13.69 -16.16 19.63
CA SER A 380 13.82 -15.27 18.48
C SER A 380 14.61 -14.02 18.85
N ALA A 381 14.56 -13.65 20.13
CA ALA A 381 15.27 -12.46 20.59
C ALA A 381 16.44 -12.82 21.50
N CYS A 382 17.24 -13.78 21.06
CA CYS A 382 18.39 -14.23 21.85
C CYS A 382 19.50 -13.19 21.95
N LYS A 383 20.54 -13.54 22.71
CA LYS A 383 21.69 -12.68 22.93
C LYS A 383 22.06 -11.76 21.78
N GLY A 384 22.56 -12.31 20.67
CA GLY A 384 22.94 -11.44 19.57
C GLY A 384 21.89 -11.23 18.51
N ALA A 385 20.62 -11.47 18.84
CA ALA A 385 19.55 -11.32 17.87
C ALA A 385 19.34 -9.90 17.40
N TRP A 386 19.02 -9.78 16.11
CA TRP A 386 18.73 -8.49 15.49
C TRP A 386 19.53 -7.32 16.07
N PRO A 387 20.86 -7.40 16.03
CA PRO A 387 21.62 -6.26 16.56
C PRO A 387 21.24 -5.09 15.69
N SER A 388 21.20 -3.90 16.25
CA SER A 388 20.82 -2.70 15.48
C SER A 388 19.36 -2.61 15.03
N LEU A 389 18.49 -3.43 15.62
CA LEU A 389 17.07 -3.35 15.29
C LEU A 389 16.55 -2.11 16.01
N GLN A 390 15.92 -1.20 15.28
CA GLN A 390 15.41 0.00 15.93
C GLN A 390 13.92 -0.02 16.22
N THR A 391 13.20 -0.67 15.33
CA THR A 391 11.76 -0.77 15.40
C THR A 391 11.27 -2.21 15.31
N LEU A 392 10.43 -2.59 16.25
CA LEU A 392 9.86 -3.93 16.29
C LEU A 392 8.32 -3.88 16.36
N VAL A 393 7.68 -4.65 15.50
CA VAL A 393 6.23 -4.73 15.48
C VAL A 393 5.75 -6.16 15.67
N LEU A 394 5.07 -6.37 16.79
CA LEU A 394 4.53 -7.66 17.14
C LEU A 394 3.05 -7.44 17.37
N SER A 395 2.50 -6.51 16.59
CA SER A 395 1.10 -6.09 16.68
C SER A 395 -0.08 -7.05 16.87
N GLN A 396 -0.07 -8.25 16.31
CA GLN A 396 -1.24 -9.10 16.62
C GLN A 396 -0.85 -10.55 16.71
N ASN A 397 -0.22 -10.90 17.83
CA ASN A 397 0.23 -12.26 18.03
C ASN A 397 -0.43 -12.88 19.26
N HIS A 398 0.27 -13.79 19.92
CA HIS A 398 -0.29 -14.43 21.10
C HIS A 398 0.53 -14.18 22.34
N LEU A 399 0.90 -12.92 22.54
CA LEU A 399 1.66 -12.51 23.71
C LEU A 399 0.66 -12.32 24.84
N ARG A 400 1.03 -12.72 26.05
CA ARG A 400 0.13 -12.59 27.19
C ARG A 400 0.64 -11.72 28.34
N SER A 401 1.96 -11.59 28.47
CA SER A 401 2.55 -10.82 29.55
C SER A 401 3.45 -9.65 29.12
N MET A 402 3.04 -8.44 29.47
CA MET A 402 3.82 -7.24 29.15
C MET A 402 5.18 -7.30 29.84
N GLN A 403 5.16 -7.62 31.12
CA GLN A 403 6.40 -7.70 31.89
C GLN A 403 7.35 -8.72 31.28
N LYS A 404 6.86 -9.92 31.00
CA LYS A 404 7.72 -10.93 30.41
C LYS A 404 8.20 -10.52 29.02
N THR A 405 7.33 -9.91 28.22
CA THR A 405 7.75 -9.48 26.89
C THR A 405 8.88 -8.46 27.01
N GLY A 406 8.68 -7.42 27.84
CA GLY A 406 9.70 -6.40 28.02
C GLY A 406 11.03 -6.97 28.48
N GLU A 407 10.96 -7.94 29.38
CA GLU A 407 12.13 -8.61 29.93
C GLU A 407 12.88 -9.34 28.83
N ILE A 408 12.14 -10.01 27.97
CA ILE A 408 12.73 -10.75 26.86
C ILE A 408 13.40 -9.84 25.85
N LEU A 409 12.83 -8.66 25.62
CA LEU A 409 13.39 -7.73 24.64
C LEU A 409 14.60 -6.90 25.13
N LEU A 410 15.06 -7.15 26.34
CA LEU A 410 16.20 -6.40 26.87
C LEU A 410 17.45 -6.67 26.04
N THR A 411 17.44 -7.77 25.31
CA THR A 411 18.57 -8.15 24.48
C THR A 411 18.78 -7.19 23.30
N LEU A 412 17.71 -6.49 22.91
CA LEU A 412 17.78 -5.54 21.80
C LEU A 412 18.19 -4.16 22.32
N LYS A 413 19.49 -3.91 22.34
CA LYS A 413 20.02 -2.65 22.87
C LYS A 413 19.69 -1.41 22.04
N ASN A 414 19.46 -1.57 20.74
CA ASN A 414 19.16 -0.41 19.92
C ASN A 414 17.68 -0.14 19.71
N LEU A 415 16.82 -0.93 20.33
CA LEU A 415 15.39 -0.74 20.15
C LEU A 415 14.82 0.58 20.68
N THR A 416 14.22 1.38 19.79
CA THR A 416 13.62 2.66 20.21
C THR A 416 12.11 2.68 20.03
N SER A 417 11.58 1.81 19.16
CA SER A 417 10.14 1.75 18.93
C SER A 417 9.59 0.33 19.04
N LEU A 418 8.58 0.18 19.91
CA LEU A 418 7.97 -1.11 20.11
C LEU A 418 6.46 -1.05 20.00
N ASP A 419 5.91 -1.94 19.17
CA ASP A 419 4.47 -2.02 18.97
C ASP A 419 3.95 -3.42 19.37
N ILE A 420 3.13 -3.48 20.41
CA ILE A 420 2.56 -4.74 20.86
C ILE A 420 1.05 -4.65 21.01
N SER A 421 0.44 -3.86 20.12
CA SER A 421 -1.00 -3.64 20.12
C SER A 421 -1.72 -4.94 19.78
N ARG A 422 -3.05 -4.92 19.89
CA ARG A 422 -3.86 -6.09 19.59
C ARG A 422 -3.39 -7.43 20.19
N ASN A 423 -2.81 -7.38 21.38
CA ASN A 423 -2.39 -8.61 22.07
C ASN A 423 -3.16 -8.59 23.40
N THR A 424 -3.71 -9.74 23.78
CA THR A 424 -4.46 -9.83 25.02
C THR A 424 -3.54 -9.97 26.23
N PHE A 425 -3.25 -8.86 26.90
CA PHE A 425 -2.35 -8.88 28.05
C PHE A 425 -3.03 -8.99 29.41
N HIS A 426 -2.30 -9.54 30.38
CA HIS A 426 -2.80 -9.64 31.75
C HIS A 426 -2.51 -8.26 32.32
N PRO A 427 -3.16 -7.89 33.43
CA PRO A 427 -2.88 -6.55 33.98
C PRO A 427 -1.38 -6.35 34.20
N MET A 428 -0.89 -5.17 33.83
CA MET A 428 0.52 -4.86 33.97
C MET A 428 0.96 -4.57 35.40
N PRO A 429 2.17 -4.99 35.77
CA PRO A 429 2.66 -4.73 37.13
C PRO A 429 2.91 -3.25 37.36
N ASP A 430 3.59 -2.92 38.45
CA ASP A 430 3.89 -1.52 38.78
C ASP A 430 5.30 -1.18 38.33
N SER A 431 6.14 -2.21 38.22
CA SER A 431 7.52 -2.01 37.78
C SER A 431 7.89 -2.99 36.68
N CYS A 432 8.53 -2.48 35.63
CA CYS A 432 8.96 -3.28 34.50
C CYS A 432 10.36 -2.90 34.03
N GLN A 433 10.88 -3.71 33.12
CA GLN A 433 12.18 -3.48 32.54
C GLN A 433 11.92 -3.48 31.03
N TRP A 434 12.28 -2.39 30.35
CA TRP A 434 12.09 -2.30 28.92
C TRP A 434 13.42 -1.90 28.31
N PRO A 435 13.58 -2.11 27.01
CA PRO A 435 14.87 -1.71 26.42
C PRO A 435 15.16 -0.23 26.67
N GLU A 436 16.39 0.05 27.04
CA GLU A 436 16.89 1.39 27.35
C GLU A 436 16.37 2.55 26.51
N LYS A 437 16.55 2.46 25.20
CA LYS A 437 16.16 3.56 24.32
C LYS A 437 14.71 3.55 23.84
N MET A 438 13.85 2.76 24.46
CA MET A 438 12.47 2.72 24.00
C MET A 438 11.78 4.07 24.24
N ARG A 439 11.35 4.72 23.15
CA ARG A 439 10.66 6.02 23.23
C ARG A 439 9.28 6.00 22.56
N PHE A 440 8.94 4.88 21.92
CA PHE A 440 7.65 4.72 21.27
C PHE A 440 7.06 3.40 21.77
N LEU A 441 5.83 3.41 22.24
CA LEU A 441 5.21 2.20 22.73
C LEU A 441 3.73 2.20 22.39
N ASN A 442 3.31 1.23 21.60
CA ASN A 442 1.92 1.12 21.17
C ASN A 442 1.22 -0.02 21.93
N LEU A 443 0.29 0.34 22.81
CA LEU A 443 -0.46 -0.63 23.59
C LEU A 443 -1.93 -0.59 23.22
N SER A 444 -2.21 -0.26 21.97
CA SER A 444 -3.58 -0.16 21.47
C SER A 444 -4.31 -1.50 21.31
N SER A 445 -5.60 -1.51 21.64
CA SER A 445 -6.43 -2.72 21.54
C SER A 445 -5.77 -3.84 22.32
N THR A 446 -5.38 -3.52 23.54
CA THR A 446 -4.67 -4.48 24.35
C THR A 446 -5.49 -5.02 25.54
N GLY A 447 -6.74 -4.55 25.64
CA GLY A 447 -7.62 -4.99 26.71
C GLY A 447 -7.35 -4.43 28.12
N ILE A 448 -6.27 -3.69 28.32
CA ILE A 448 -5.96 -3.16 29.64
C ILE A 448 -7.05 -2.26 30.22
N ARG A 449 -7.23 -2.34 31.53
CA ARG A 449 -8.25 -1.55 32.23
C ARG A 449 -7.61 -0.50 33.11
N VAL A 450 -6.33 -0.71 33.42
CA VAL A 450 -5.56 0.20 34.25
C VAL A 450 -4.24 0.50 33.54
N VAL A 451 -3.59 1.60 33.93
CA VAL A 451 -2.30 1.95 33.36
C VAL A 451 -1.42 2.19 34.56
N LYS A 452 -0.23 1.60 34.56
CA LYS A 452 0.68 1.76 35.70
C LYS A 452 2.11 2.15 35.31
N THR A 453 2.99 2.28 36.30
CA THR A 453 4.37 2.69 36.06
C THR A 453 5.25 1.69 35.30
N CYS A 454 4.65 0.59 34.84
CA CYS A 454 5.38 -0.39 34.05
C CYS A 454 5.79 0.37 32.79
N ILE A 455 4.93 1.30 32.39
CA ILE A 455 5.16 2.16 31.24
C ILE A 455 6.24 3.14 31.67
N PRO A 456 7.40 3.11 31.00
CA PRO A 456 8.54 3.97 31.29
C PRO A 456 8.40 5.47 31.05
N GLN A 457 9.01 6.27 31.92
CA GLN A 457 8.97 7.72 31.81
C GLN A 457 9.74 8.27 30.61
N THR A 458 10.60 7.44 30.03
CA THR A 458 11.39 7.86 28.87
C THR A 458 10.55 8.10 27.61
N LEU A 459 9.39 7.48 27.55
CA LEU A 459 8.50 7.59 26.40
C LEU A 459 8.18 8.97 25.81
N GLU A 460 8.10 9.00 24.49
CA GLU A 460 7.78 10.22 23.73
C GLU A 460 6.40 10.04 23.11
N VAL A 461 6.14 8.85 22.59
CA VAL A 461 4.85 8.57 21.97
C VAL A 461 4.25 7.37 22.67
N LEU A 462 2.99 7.49 23.08
CA LEU A 462 2.29 6.39 23.75
C LEU A 462 0.86 6.28 23.21
N ASP A 463 0.47 5.06 22.86
CA ASP A 463 -0.86 4.81 22.31
C ASP A 463 -1.58 3.75 23.13
N VAL A 464 -2.57 4.16 23.90
CA VAL A 464 -3.33 3.21 24.70
C VAL A 464 -4.77 3.38 24.28
N SER A 465 -4.98 3.58 22.99
CA SER A 465 -6.33 3.78 22.48
C SER A 465 -7.04 2.44 22.36
N ASN A 466 -8.37 2.50 22.15
CA ASN A 466 -9.22 1.33 22.00
C ASN A 466 -9.02 0.29 23.10
N ASN A 467 -9.13 0.73 24.34
CA ASN A 467 -8.98 -0.15 25.48
C ASN A 467 -10.13 0.05 26.46
N ASN A 468 -9.91 -0.28 27.74
CA ASN A 468 -10.95 -0.15 28.78
C ASN A 468 -10.56 0.76 29.94
N LEU A 469 -9.82 1.82 29.65
CA LEU A 469 -9.40 2.76 30.67
C LEU A 469 -10.50 3.69 31.18
N ASP A 470 -10.42 4.05 32.47
CA ASP A 470 -11.37 4.95 33.10
C ASP A 470 -10.67 6.27 33.45
N SER A 471 -9.34 6.20 33.57
CA SER A 471 -8.53 7.37 33.91
C SER A 471 -7.08 7.16 33.50
N PHE A 472 -6.34 8.27 33.43
CA PHE A 472 -4.92 8.23 33.08
C PHE A 472 -4.23 9.13 34.10
N SER A 473 -3.30 8.57 34.86
CA SER A 473 -2.60 9.33 35.89
C SER A 473 -1.08 9.20 35.85
N LEU A 474 -0.55 8.75 34.72
CA LEU A 474 0.90 8.58 34.60
C LEU A 474 1.61 9.88 34.22
N PHE A 475 2.68 10.20 34.94
CA PHE A 475 3.45 11.39 34.65
C PHE A 475 4.50 11.03 33.62
N LEU A 476 4.34 11.53 32.41
CA LEU A 476 5.28 11.27 31.33
C LEU A 476 5.91 12.59 30.88
N PRO A 477 6.92 13.06 31.62
CA PRO A 477 7.64 14.31 31.35
C PRO A 477 8.10 14.58 29.91
N ARG A 478 8.39 13.54 29.13
CA ARG A 478 8.84 13.76 27.76
C ARG A 478 7.78 13.44 26.72
N LEU A 479 6.58 13.08 27.16
CA LEU A 479 5.54 12.72 26.23
C LEU A 479 5.20 13.80 25.21
N GLN A 480 5.29 13.45 23.93
CA GLN A 480 4.99 14.36 22.84
C GLN A 480 3.65 14.00 22.20
N GLU A 481 3.27 12.73 22.26
CA GLU A 481 2.03 12.31 21.65
C GLU A 481 1.30 11.22 22.45
N LEU A 482 0.05 11.50 22.82
CA LEU A 482 -0.77 10.53 23.55
C LEU A 482 -2.00 10.20 22.72
N TYR A 483 -2.27 8.91 22.58
CA TYR A 483 -3.42 8.43 21.83
C TYR A 483 -4.19 7.69 22.91
N ILE A 484 -5.33 8.22 23.31
CA ILE A 484 -6.12 7.57 24.35
C ILE A 484 -7.58 7.52 23.90
N SER A 485 -7.78 7.61 22.59
CA SER A 485 -9.10 7.58 21.98
C SER A 485 -9.76 6.21 22.18
N ARG A 486 -11.08 6.21 22.24
CA ARG A 486 -11.87 5.00 22.39
C ARG A 486 -11.70 4.21 23.67
N ASN A 487 -11.90 4.89 24.79
CA ASN A 487 -11.83 4.30 26.12
C ASN A 487 -13.05 4.78 26.89
N LYS A 488 -12.96 4.79 28.21
CA LYS A 488 -14.08 5.24 29.02
C LYS A 488 -13.78 6.36 30.01
N LEU A 489 -12.81 7.20 29.68
CA LEU A 489 -12.45 8.29 30.57
C LEU A 489 -13.61 9.28 30.74
N LYS A 490 -14.04 9.48 31.97
CA LYS A 490 -15.12 10.43 32.22
C LYS A 490 -14.49 11.79 32.46
N THR A 491 -13.28 11.79 33.04
CA THR A 491 -12.56 13.02 33.31
C THR A 491 -11.31 13.10 32.45
N LEU A 492 -10.99 14.30 31.98
CA LEU A 492 -9.81 14.51 31.14
C LEU A 492 -8.54 14.41 31.98
N PRO A 493 -7.44 13.91 31.39
CA PRO A 493 -6.19 13.78 32.15
C PRO A 493 -5.62 15.14 32.58
N ASP A 494 -5.08 15.19 33.79
CA ASP A 494 -4.49 16.40 34.32
C ASP A 494 -3.41 16.95 33.35
N ALA A 495 -3.52 18.22 32.98
CA ALA A 495 -2.57 18.84 32.05
C ALA A 495 -1.11 18.85 32.52
N SER A 496 -0.89 18.83 33.84
CA SER A 496 0.47 18.84 34.36
C SER A 496 1.16 17.49 34.12
N LEU A 497 0.40 16.50 33.67
CA LEU A 497 0.97 15.18 33.42
C LEU A 497 1.79 15.15 32.14
N PHE A 498 1.54 16.10 31.24
CA PHE A 498 2.30 16.14 29.99
C PHE A 498 2.74 17.55 29.63
N PRO A 499 3.79 18.05 30.29
CA PRO A 499 4.34 19.40 30.05
C PRO A 499 4.67 19.78 28.60
N VAL A 500 5.18 18.85 27.81
CA VAL A 500 5.52 19.19 26.43
C VAL A 500 4.76 18.40 25.36
N LEU A 501 3.52 18.03 25.70
CA LEU A 501 2.63 17.27 24.83
C LEU A 501 2.31 18.06 23.53
N LEU A 502 2.50 17.43 22.38
CA LEU A 502 2.23 18.07 21.09
C LEU A 502 0.92 17.61 20.47
N VAL A 503 0.58 16.35 20.70
CA VAL A 503 -0.63 15.78 20.13
C VAL A 503 -1.39 14.95 21.14
N MET A 504 -2.69 15.20 21.25
CA MET A 504 -3.52 14.45 22.16
C MET A 504 -4.77 13.97 21.45
N LYS A 505 -5.01 12.67 21.49
CA LYS A 505 -6.19 12.09 20.87
C LYS A 505 -7.05 11.49 21.98
N ILE A 506 -8.24 12.05 22.17
CA ILE A 506 -9.11 11.54 23.23
C ILE A 506 -10.55 11.52 22.79
N ALA A 507 -10.73 11.10 21.48
CA ALA A 507 -12.04 11.00 20.88
C ALA A 507 -12.77 9.77 21.44
N SER A 508 -14.09 9.73 21.26
CA SER A 508 -14.91 8.60 21.72
C SER A 508 -14.53 8.20 23.14
N ASN A 509 -14.90 9.01 24.11
CA ASN A 509 -14.53 8.77 25.50
C ASN A 509 -15.47 9.16 26.64
N GLN A 510 -16.78 9.24 26.43
CA GLN A 510 -17.63 9.60 27.58
C GLN A 510 -17.37 10.97 28.24
N LEU A 511 -16.44 11.76 27.73
CA LEU A 511 -16.15 13.07 28.33
C LEU A 511 -17.34 14.05 28.21
N LYS A 512 -17.74 14.64 29.33
CA LYS A 512 -18.85 15.59 29.33
C LYS A 512 -18.38 17.03 29.48
N SER A 513 -17.22 17.22 30.09
CA SER A 513 -16.71 18.57 30.30
C SER A 513 -15.21 18.58 30.54
N VAL A 514 -14.63 19.77 30.54
CA VAL A 514 -13.22 19.93 30.81
C VAL A 514 -13.12 21.04 31.85
N PRO A 515 -12.08 21.02 32.70
CA PRO A 515 -11.93 22.06 33.73
C PRO A 515 -11.58 23.39 33.04
N ASP A 516 -12.12 24.50 33.55
CA ASP A 516 -11.83 25.79 32.93
C ASP A 516 -10.32 26.08 32.74
N GLY A 517 -9.94 26.43 31.51
CA GLY A 517 -8.56 26.76 31.21
C GLY A 517 -7.57 25.62 30.97
N ILE A 518 -8.05 24.38 30.91
CA ILE A 518 -7.13 23.25 30.75
C ILE A 518 -6.30 23.17 29.47
N PHE A 519 -6.86 23.54 28.33
CA PHE A 519 -6.12 23.49 27.09
C PHE A 519 -5.08 24.59 26.93
N ASP A 520 -5.25 25.68 27.66
CA ASP A 520 -4.26 26.76 27.58
C ASP A 520 -3.06 26.34 28.42
N ARG A 521 -3.23 25.26 29.19
CA ARG A 521 -2.15 24.75 30.02
C ARG A 521 -1.32 23.71 29.25
N LEU A 522 -1.87 23.21 28.14
CA LEU A 522 -1.15 22.28 27.28
C LEU A 522 -0.42 23.25 26.36
N THR A 523 0.63 23.86 26.89
CA THR A 523 1.44 24.88 26.22
C THR A 523 2.23 24.63 24.93
N SER A 524 2.31 23.38 24.49
CA SER A 524 3.02 23.07 23.27
C SER A 524 2.10 22.35 22.30
N LEU A 525 0.83 22.23 22.68
CA LEU A 525 -0.18 21.53 21.87
C LEU A 525 -0.33 22.08 20.44
N GLN A 526 -0.41 21.15 19.49
CA GLN A 526 -0.55 21.47 18.07
C GLN A 526 -1.83 20.84 17.50
N LYS A 527 -2.11 19.60 17.88
CA LYS A 527 -3.29 18.91 17.37
C LYS A 527 -4.04 18.16 18.47
N ILE A 528 -5.35 18.35 18.53
CA ILE A 528 -6.18 17.67 19.50
C ILE A 528 -7.47 17.14 18.86
N TRP A 529 -7.80 15.89 19.16
CA TRP A 529 -8.99 15.23 18.67
C TRP A 529 -9.95 15.10 19.87
N LEU A 530 -11.12 15.74 19.78
CA LEU A 530 -12.13 15.72 20.85
C LEU A 530 -13.51 15.19 20.41
N HIS A 531 -13.65 14.82 19.15
CA HIS A 531 -14.96 14.38 18.68
C HIS A 531 -15.50 13.09 19.32
N THR A 532 -16.80 12.89 19.12
CA THR A 532 -17.51 11.74 19.64
C THR A 532 -17.46 11.66 21.15
N ASN A 533 -17.81 12.76 21.80
CA ASN A 533 -17.87 12.80 23.24
C ASN A 533 -19.21 13.45 23.60
N PRO A 534 -19.88 12.96 24.65
CA PRO A 534 -21.16 13.55 25.02
C PRO A 534 -20.98 14.90 25.75
N TRP A 535 -20.54 15.92 25.03
CA TRP A 535 -20.33 17.25 25.63
C TRP A 535 -21.59 17.87 26.18
N ASP A 536 -21.55 18.23 27.46
CA ASP A 536 -22.69 18.85 28.13
C ASP A 536 -22.70 20.31 27.73
N CYS A 537 -23.38 20.64 26.64
CA CYS A 537 -23.42 22.01 26.17
C CYS A 537 -24.26 23.01 26.96
N SER A 538 -24.46 22.77 28.24
CA SER A 538 -25.20 23.70 29.09
C SER A 538 -24.36 24.98 29.12
N CYS A 539 -24.99 26.12 28.89
CA CYS A 539 -24.24 27.37 28.80
C CYS A 539 -23.22 27.76 29.84
N PRO A 540 -23.59 27.77 31.11
CA PRO A 540 -22.51 28.17 32.02
C PRO A 540 -21.27 27.28 31.81
N ARG A 541 -21.45 25.98 31.96
CA ARG A 541 -20.41 24.97 31.85
C ARG A 541 -19.60 24.92 30.52
N ILE A 542 -20.28 24.94 29.39
CA ILE A 542 -19.61 24.86 28.11
C ILE A 542 -18.91 26.14 27.65
N ASP A 543 -18.90 27.18 28.49
CA ASP A 543 -18.29 28.47 28.10
C ASP A 543 -16.80 28.39 27.73
N TYR A 544 -15.99 27.81 28.60
CA TYR A 544 -14.56 27.71 28.31
C TYR A 544 -14.27 26.88 27.06
N LEU A 545 -14.75 25.64 27.03
CA LEU A 545 -14.53 24.75 25.89
C LEU A 545 -14.92 25.38 24.56
N SER A 546 -16.06 26.06 24.53
CA SER A 546 -16.53 26.71 23.32
C SER A 546 -15.60 27.83 22.86
N ARG A 547 -15.21 28.71 23.77
CA ARG A 547 -14.33 29.81 23.40
C ARG A 547 -12.95 29.31 22.95
N TRP A 548 -12.44 28.28 23.62
CA TRP A 548 -11.14 27.76 23.24
C TRP A 548 -11.13 27.20 21.82
N LEU A 549 -12.21 26.50 21.45
CA LEU A 549 -12.32 25.91 20.10
C LEU A 549 -12.44 26.99 19.03
N ASN A 550 -13.03 28.14 19.38
CA ASN A 550 -13.16 29.23 18.41
C ASN A 550 -11.85 29.98 18.30
N LYS A 551 -11.03 29.86 19.32
CA LYS A 551 -9.74 30.53 19.36
C LYS A 551 -8.61 29.57 18.93
N ASN A 552 -8.97 28.31 18.67
CA ASN A 552 -7.97 27.31 18.30
C ASN A 552 -8.46 26.29 17.28
N SER A 553 -9.28 26.73 16.33
CA SER A 553 -9.81 25.82 15.32
C SER A 553 -8.74 25.10 14.52
N GLN A 554 -7.56 25.69 14.44
CA GLN A 554 -6.48 25.08 13.69
C GLN A 554 -5.90 23.85 14.39
N LYS A 555 -6.18 23.71 15.68
CA LYS A 555 -5.67 22.59 16.44
C LYS A 555 -6.63 21.44 16.47
N GLU A 556 -7.92 21.74 16.43
CA GLU A 556 -8.91 20.68 16.47
C GLU A 556 -8.98 19.91 15.16
N GLN A 557 -8.93 18.59 15.27
CA GLN A 557 -9.02 17.69 14.13
C GLN A 557 -10.41 17.07 14.29
N GLY A 558 -11.30 17.30 13.33
CA GLY A 558 -12.65 16.77 13.48
C GLY A 558 -13.52 17.80 14.20
N SER A 559 -14.73 17.43 14.57
CA SER A 559 -15.62 18.38 15.24
C SER A 559 -16.35 17.93 16.49
N ALA A 560 -15.98 18.52 17.63
CA ALA A 560 -16.65 18.20 18.89
C ALA A 560 -18.10 18.67 18.74
N LYS A 561 -19.04 17.76 18.96
CA LYS A 561 -20.46 18.08 18.83
C LYS A 561 -21.19 18.02 20.17
N CYS A 562 -22.22 18.84 20.31
CA CYS A 562 -23.01 18.87 21.52
C CYS A 562 -23.79 17.57 21.72
N SER A 563 -23.75 17.03 22.94
CA SER A 563 -24.50 15.82 23.22
C SER A 563 -25.95 16.29 23.21
N GLY A 564 -26.82 15.51 22.59
CA GLY A 564 -28.21 15.92 22.54
C GLY A 564 -28.55 16.51 21.19
N SER A 565 -28.45 17.83 21.06
CA SER A 565 -28.76 18.48 19.79
C SER A 565 -27.94 17.91 18.62
N GLY A 566 -26.63 18.06 18.69
CA GLY A 566 -25.76 17.56 17.63
C GLY A 566 -24.96 18.65 16.95
N LYS A 567 -25.24 19.91 17.31
CA LYS A 567 -24.52 21.04 16.73
C LYS A 567 -23.08 21.15 17.26
N PRO A 568 -22.18 21.75 16.47
CA PRO A 568 -20.78 21.91 16.86
C PRO A 568 -20.63 22.73 18.13
N VAL A 569 -19.91 22.18 19.10
CA VAL A 569 -19.68 22.86 20.36
C VAL A 569 -19.19 24.29 20.15
N ARG A 570 -18.44 24.54 19.08
CA ARG A 570 -17.93 25.89 18.82
C ARG A 570 -19.03 26.87 18.44
N SER A 571 -20.25 26.36 18.31
CA SER A 571 -21.39 27.18 17.93
C SER A 571 -22.05 27.86 19.11
N ILE A 572 -21.80 27.34 20.30
CA ILE A 572 -22.38 27.89 21.52
C ILE A 572 -21.76 29.24 21.90
N ILE A 573 -22.61 30.17 22.33
CA ILE A 573 -22.19 31.50 22.74
C ILE A 573 -22.99 31.87 23.98
N CYS A 574 -22.38 31.72 25.15
CA CYS A 574 -23.05 32.02 26.41
C CYS A 574 -22.98 33.47 26.87
N PRO A 575 -24.11 34.01 27.34
CA PRO A 575 -24.18 35.40 27.82
C PRO A 575 -23.16 35.61 28.93
C1 NAG B . 23.40 -1.85 18.34
C2 NAG B . 24.35 -0.82 17.72
C3 NAG B . 25.79 -1.32 17.91
C4 NAG B . 26.10 -1.69 19.38
C5 NAG B . 24.95 -2.53 20.00
C6 NAG B . 25.07 -2.64 21.51
C7 NAG B . 24.05 0.54 15.76
C8 NAG B . 25.13 0.83 14.72
N2 NAG B . 24.07 -0.68 16.31
O3 NAG B . 26.69 -0.31 17.48
O4 NAG B . 27.33 -2.44 19.40
O5 NAG B . 23.66 -1.96 19.73
O6 NAG B . 25.74 -3.83 21.89
O7 NAG B . 23.23 1.39 16.06
C1 NAG B . 28.20 -2.30 20.47
C2 NAG B . 29.27 -3.41 20.43
C3 NAG B . 30.38 -3.18 21.46
C4 NAG B . 30.92 -1.75 21.38
C5 NAG B . 29.76 -0.75 21.45
C6 NAG B . 30.23 0.69 21.33
C7 NAG B . 28.96 -5.76 19.93
C8 NAG B . 29.99 -6.72 20.51
N2 NAG B . 28.64 -4.70 20.67
O3 NAG B . 31.45 -4.08 21.22
O4 NAG B . 31.82 -1.51 22.46
O5 NAG B . 28.83 -1.00 20.37
O6 NAG B . 29.86 1.45 22.47
O7 NAG B . 28.47 -5.97 18.83
C1 NAG C . -0.94 1.54 17.22
C2 NAG C . -0.84 2.61 16.13
C3 NAG C . -2.17 2.76 15.36
C4 NAG C . -2.68 1.39 14.87
C5 NAG C . -2.79 0.50 16.11
C6 NAG C . -3.45 -0.86 15.93
C7 NAG C . 0.52 4.59 16.34
C8 NAG C . 0.86 5.85 17.14
N2 NAG C . -0.53 3.88 16.76
O3 NAG C . -2.00 3.65 14.27
O4 NAG C . -3.97 1.52 14.20
O5 NAG C . -1.47 0.32 16.68
O6 NAG C . -2.56 -1.80 15.35
O7 NAG C . 1.18 4.29 15.36
C1 NAG C . -4.15 0.87 12.98
C2 NAG C . -5.63 0.84 12.59
C3 NAG C . -5.80 0.12 11.23
C4 NAG C . -4.88 0.74 10.16
C5 NAG C . -3.45 0.91 10.68
C6 NAG C . -2.58 1.73 9.74
C7 NAG C . -7.18 0.94 14.44
C8 NAG C . -8.51 1.42 13.89
N2 NAG C . -6.42 0.19 13.62
O3 NAG C . -7.15 0.21 10.82
O4 NAG C . -4.83 -0.06 8.94
O5 NAG C . -3.43 1.59 11.98
O6 NAG C . -2.82 3.13 9.90
O7 NAG C . -6.83 1.24 15.58
C1 MAN C . -5.92 -0.80 8.50
C2 MAN C . -5.49 -1.82 7.42
C3 MAN C . -5.10 -1.13 6.10
C4 MAN C . -6.25 -0.22 5.66
C5 MAN C . -6.53 0.80 6.77
C6 MAN C . -7.67 1.71 6.41
O2 MAN C . -6.53 -2.75 7.17
O3 MAN C . -4.87 -2.11 5.10
O4 MAN C . -5.91 0.46 4.46
O5 MAN C . -6.93 0.11 7.98
O6 MAN C . -8.88 0.98 6.24
C1 NAG D . 2.36 8.30 -36.42
C2 NAG D . 3.04 8.03 -37.76
C3 NAG D . 2.75 9.17 -38.74
C4 NAG D . 1.24 9.40 -38.86
C5 NAG D . 0.61 9.58 -37.47
C6 NAG D . -0.90 9.64 -37.54
C7 NAG D . 5.18 7.11 -38.36
C8 NAG D . 5.51 5.71 -37.84
N2 NAG D . 4.48 7.91 -37.57
O3 NAG D . 3.29 8.87 -40.02
O4 NAG D . 0.98 10.56 -39.65
O5 NAG D . 0.94 8.45 -36.61
O6 NAG D . -1.37 10.92 -37.15
O7 NAG D . 5.58 7.45 -39.47
C PDK E . 2.74 -25.07 21.51
N PDK E . 3.74 -24.60 19.11
O PDK E . 2.14 -23.97 21.69
CA PDK E . 4.01 -25.04 20.58
C43 PDK E . 13.00 -14.05 4.52
C44 PDK E . 11.60 -14.62 5.34
C58 PDK E . 10.75 -15.95 9.58
C59 PDK E . 11.18 -14.22 9.45
OAD PDK E . 0.26 -26.41 15.37
OAE PDK E . 3.26 -28.96 14.33
OAF PDK E . -0.99 -19.96 17.79
OAG PDK E . 3.19 -23.51 15.81
OAH PDK E . 6.28 -25.65 11.34
OAI PDK E . 6.56 -18.93 9.12
OAJ PDK E . 1.19 -22.87 9.20
OAL PDK E . 0.29 -28.62 15.67
OAM PDK E . 5.10 -28.11 13.27
OAN PDK E . -1.02 -21.31 19.74
OAO PDK E . 2.66 -24.89 9.14
CAX PDK E . 11.22 -17.61 9.57
CAZ PDK E . 10.56 -19.01 9.75
CBB PDK E . 11.44 -20.10 10.47
CBD PDK E . 10.69 -21.48 10.60
CBE PDK E . 11.10 -16.01 4.99
CBF PDK E . 11.61 -22.75 10.26
CBG PDK E . 9.85 -16.23 5.89
CBH PDK E . 11.05 -24.18 10.71
CBI PDK E . 9.17 -17.56 5.70
CBJ PDK E . 9.70 -24.35 11.44
CBK PDK E . 7.90 -17.81 6.61
CBL PDK E . 1.83 -23.87 13.31
CBM PDK E . 1.38 -23.44 12.32
CBN PDK E . 8.64 -25.45 10.81
CBO PDK E . 7.31 -19.24 6.77
CBP PDK E . 4.60 -25.48 18.24
CBQ PDK E . 4.13 -23.10 18.89
CBR PDK E . 3.92 -26.71 17.54
CBS PDK E . 2.94 -22.02 19.12
CBT PDK E . 5.95 -23.10 9.25
CBU PDK E . 4.11 -22.23 9.23
CBW PDK E . 1.94 -27.33 16.71
CBX PDK E . 4.17 -26.73 15.14
CBY PDK E . 1.21 -20.41 19.01
CBZ PDK E . 1.51 -22.00 16.81
NCA PDK E . 1.51 -23.14 14.41
OCB PDK E . 6.70 -23.81 9.88
OCC PDK E . 1.78 -24.29 11.44
OCD PDK E . 3.35 -22.79 10.44
OCE PDK E . 6.09 -21.10 8.27
CCG PDK E . 0.72 -27.45 15.84
CCH PDK E . 4.18 -28.05 14.17
CCI PDK E . -0.41 -20.56 18.82
CCJ PDK E . 2.15 -22.96 15.62
CCK PDK E . 7.22 -24.97 10.69
CCL PDK E . 6.62 -19.72 8.18
CCM PDK E . 5.45 -21.61 9.53
NCO PDK E . 3.09 -26.42 16.35
NCP PDK E . 2.21 -21.12 18.03
PCQ PDK E . 2.25 -23.58 10.05
OXT PDK E . 2.46 -26.22 22.01
LU LU F . 0.86 -24.42 18.68
#